data_6JOL
#
_entry.id   6JOL
#
_cell.length_a   135.335
_cell.length_b   135.335
_cell.length_c   34.959
_cell.angle_alpha   90.00
_cell.angle_beta   90.00
_cell.angle_gamma   120.00
#
_symmetry.space_group_name_H-M   'P 6'
#
loop_
_entity.id
_entity.type
_entity.pdbx_description
1 polymer 'Platelet-derived growth factor receptor alpha'
2 non-polymer 4-(4-METHYL-PIPERAZIN-1-YLMETHYL)-N-[4-METHYL-3-(4-PYRIDIN-3-YL-PYRIMIDIN-2-YLAMINO)-PHENYL]-BENZAMIDE
3 water water
#
_entity_poly.entity_id   1
_entity_poly.type   'polypeptide(L)'
_entity_poly.pdbx_seq_one_letter_code
;GAMDKQKPRYEIRWRVIESISPDGHEYIYVDPMQLPYDSRWEFPRDGLVLGRVLGSGAFGKVVEGTAYGLSRSQPVMKVA
VKMLKPTARSSEKQALMSELKIMTHLGPHLNIVNLLGACTKSGPIYIITEYCFYGDLVNYLHKNRDSFLSHKKKSMLDSE
VKNLLSDDNSEGLTLLDLLSFTYQVARGMEFLASKNCVHRDLAARNVLLAQGKIVKICDFGLARDIMHDSNYVSKGSTFL
PVKWMAPESIFDNLYTTLSDVWSYGILLWEIFSLGGTPYPGMMVDSTFYNKIKSGYRMAKPDHATSEVYEIMVKCWNSEP
EKRPSFYHLSEIVENLLPGQYKKSYEKIHLDFLKSD
;
_entity_poly.pdbx_strand_id   A
#
# COMPACT_ATOMS: atom_id res chain seq x y z
N ASP A 38 5.02 -3.97 -24.00
CA ASP A 38 4.36 -5.24 -24.25
C ASP A 38 2.90 -5.07 -24.63
N SER A 39 2.53 -5.56 -25.80
CA SER A 39 1.18 -5.45 -26.31
C SER A 39 0.34 -6.67 -25.94
N ARG A 40 0.91 -7.57 -25.17
CA ARG A 40 0.21 -8.73 -24.66
C ARG A 40 -0.86 -8.23 -23.68
N TRP A 41 -0.61 -7.07 -23.08
CA TRP A 41 -1.53 -6.49 -22.11
C TRP A 41 -2.66 -5.65 -22.66
N GLU A 42 -2.59 -5.31 -23.93
CA GLU A 42 -3.60 -4.45 -24.51
C GLU A 42 -4.97 -5.09 -24.45
N PHE A 43 -5.94 -4.27 -24.05
CA PHE A 43 -7.31 -4.70 -23.94
C PHE A 43 -8.20 -3.72 -24.69
N PRO A 44 -9.18 -4.29 -25.48
CA PRO A 44 -10.02 -3.32 -26.19
C PRO A 44 -10.85 -2.48 -25.24
N ARG A 45 -10.98 -1.20 -25.55
CA ARG A 45 -11.78 -0.26 -24.76
C ARG A 45 -13.27 -0.63 -24.79
N ASP A 46 -13.74 -1.16 -25.90
CA ASP A 46 -15.15 -1.52 -26.00
C ASP A 46 -15.55 -2.68 -25.08
N GLY A 47 -14.57 -3.39 -24.55
CA GLY A 47 -14.85 -4.49 -23.64
C GLY A 47 -14.80 -4.10 -22.17
N LEU A 48 -14.63 -2.82 -21.91
CA LEU A 48 -14.53 -2.32 -20.56
C LEU A 48 -15.66 -1.38 -20.17
N VAL A 49 -16.39 -1.71 -19.12
CA VAL A 49 -17.47 -0.89 -18.61
C VAL A 49 -16.98 -0.20 -17.34
N LEU A 50 -17.08 1.12 -17.28
CA LEU A 50 -16.60 1.88 -16.12
C LEU A 50 -17.71 2.25 -15.15
N GLY A 51 -17.41 2.11 -13.87
CA GLY A 51 -18.36 2.41 -12.81
C GLY A 51 -18.00 3.52 -11.85
N ARG A 52 -18.36 3.31 -10.59
CA ARG A 52 -18.12 4.28 -9.53
C ARG A 52 -16.66 4.49 -9.19
N VAL A 53 -16.34 5.66 -8.65
CA VAL A 53 -14.97 5.96 -8.28
C VAL A 53 -14.55 5.28 -6.99
N LEU A 54 -13.36 4.68 -7.01
CA LEU A 54 -12.84 4.02 -5.83
C LEU A 54 -11.88 4.93 -5.09
N GLY A 55 -11.13 5.71 -5.83
CA GLY A 55 -10.22 6.66 -5.25
C GLY A 55 -9.93 7.77 -6.24
N SER A 56 -9.71 8.97 -5.74
CA SER A 56 -9.38 10.07 -6.64
C SER A 56 -8.46 11.09 -6.00
N GLY A 57 -7.63 11.67 -6.83
CA GLY A 57 -6.68 12.67 -6.45
C GLY A 57 -6.89 13.86 -7.37
N ALA A 58 -5.96 14.80 -7.34
CA ALA A 58 -6.08 15.96 -8.18
C ALA A 58 -6.03 15.63 -9.66
N PHE A 59 -5.10 14.77 -10.05
CA PHE A 59 -4.91 14.40 -11.44
C PHE A 59 -5.28 12.98 -11.88
N GLY A 60 -5.69 12.13 -10.96
CA GLY A 60 -6.00 10.77 -11.31
C GLY A 60 -7.06 10.12 -10.48
N LYS A 61 -7.56 9.00 -10.97
CA LYS A 61 -8.58 8.27 -10.25
C LYS A 61 -8.61 6.79 -10.56
N VAL A 62 -9.20 6.02 -9.65
CA VAL A 62 -9.38 4.60 -9.83
C VAL A 62 -10.88 4.36 -9.78
N VAL A 63 -11.39 3.64 -10.76
CA VAL A 63 -12.79 3.36 -10.84
C VAL A 63 -13.07 1.88 -10.93
N GLU A 64 -14.26 1.52 -10.49
CA GLU A 64 -14.73 0.16 -10.54
C GLU A 64 -15.06 -0.15 -11.98
N GLY A 65 -14.91 -1.40 -12.39
CA GLY A 65 -15.21 -1.74 -13.76
C GLY A 65 -15.55 -3.19 -13.98
N THR A 66 -16.07 -3.49 -15.16
CA THR A 66 -16.40 -4.84 -15.58
C THR A 66 -15.70 -5.07 -16.93
N ALA A 67 -14.99 -6.17 -17.06
CA ALA A 67 -14.30 -6.47 -18.31
C ALA A 67 -14.86 -7.74 -18.95
N TYR A 68 -15.17 -7.64 -20.23
CA TYR A 68 -15.72 -8.76 -20.97
C TYR A 68 -14.66 -9.39 -21.84
N GLY A 69 -14.49 -10.69 -21.71
CA GLY A 69 -13.52 -11.38 -22.53
C GLY A 69 -12.09 -11.23 -22.08
N LEU A 70 -11.89 -10.60 -20.93
CA LEU A 70 -10.56 -10.43 -20.36
C LEU A 70 -10.04 -11.79 -19.92
N SER A 71 -10.97 -12.63 -19.46
CA SER A 71 -10.63 -13.95 -19.01
C SER A 71 -11.50 -15.03 -19.68
N ARG A 72 -10.86 -16.11 -20.08
CA ARG A 72 -11.55 -17.23 -20.67
C ARG A 72 -12.46 -17.92 -19.65
N SER A 73 -11.96 -18.08 -18.44
CA SER A 73 -12.68 -18.69 -17.32
C SER A 73 -13.85 -17.88 -16.76
N GLN A 74 -13.65 -16.56 -16.60
CA GLN A 74 -14.70 -15.67 -16.11
C GLN A 74 -14.84 -14.57 -17.13
N PRO A 75 -15.81 -14.81 -18.09
CA PRO A 75 -15.94 -13.79 -19.13
C PRO A 75 -16.55 -12.46 -18.70
N VAL A 76 -17.14 -12.42 -17.51
CA VAL A 76 -17.73 -11.19 -17.00
C VAL A 76 -17.05 -10.96 -15.66
N MET A 77 -15.98 -10.18 -15.70
CA MET A 77 -15.16 -9.97 -14.53
C MET A 77 -15.02 -8.57 -13.99
N LYS A 78 -15.19 -8.43 -12.68
CA LYS A 78 -15.04 -7.13 -12.05
C LYS A 78 -13.56 -6.75 -12.00
N VAL A 79 -13.28 -5.47 -12.17
CA VAL A 79 -11.92 -4.96 -12.16
C VAL A 79 -11.82 -3.54 -11.61
N ALA A 80 -10.60 -3.06 -11.44
CA ALA A 80 -10.32 -1.71 -11.00
C ALA A 80 -9.52 -1.07 -12.11
N VAL A 81 -9.85 0.16 -12.44
CA VAL A 81 -9.17 0.84 -13.52
C VAL A 81 -8.61 2.18 -13.10
N LYS A 82 -7.34 2.42 -13.36
CA LYS A 82 -6.70 3.68 -13.04
C LYS A 82 -6.53 4.52 -14.30
N MET A 83 -6.87 5.80 -14.20
CA MET A 83 -6.80 6.70 -15.32
C MET A 83 -6.63 8.14 -14.88
N LEU A 84 -6.14 8.96 -15.79
CA LEU A 84 -5.94 10.38 -15.57
C LEU A 84 -7.24 11.12 -15.65
N LYS A 85 -7.23 12.31 -15.09
CA LYS A 85 -8.37 13.21 -15.14
C LYS A 85 -8.09 14.30 -16.18
N PRO A 86 -9.19 15.03 -16.60
CA PRO A 86 -8.90 16.06 -17.63
C PRO A 86 -7.88 17.12 -17.18
N THR A 87 -7.86 17.39 -15.89
CA THR A 87 -6.97 18.38 -15.29
C THR A 87 -5.46 18.08 -15.40
N ALA A 88 -5.11 16.81 -15.58
CA ALA A 88 -3.70 16.38 -15.68
C ALA A 88 -2.91 16.83 -16.91
N ARG A 89 -1.60 16.98 -16.73
CA ARG A 89 -0.68 17.39 -17.79
C ARG A 89 0.25 16.27 -18.21
N SER A 90 1.28 16.64 -18.98
CA SER A 90 2.27 15.70 -19.49
C SER A 90 3.07 15.01 -18.40
N SER A 91 3.38 15.75 -17.35
CA SER A 91 4.15 15.19 -16.26
C SER A 91 3.41 14.00 -15.66
N GLU A 92 2.12 14.17 -15.42
CA GLU A 92 1.30 13.07 -14.90
C GLU A 92 1.13 11.92 -15.89
N LYS A 93 1.01 12.23 -17.18
CA LYS A 93 0.85 11.20 -18.19
C LYS A 93 2.08 10.31 -18.18
N GLN A 94 3.26 10.91 -18.03
CA GLN A 94 4.51 10.18 -17.99
C GLN A 94 4.57 9.26 -16.79
N ALA A 95 4.08 9.77 -15.67
CA ALA A 95 4.08 9.03 -14.44
C ALA A 95 3.20 7.79 -14.55
N LEU A 96 2.03 7.95 -15.17
CA LEU A 96 1.12 6.85 -15.33
C LEU A 96 1.73 5.78 -16.22
N MET A 97 2.34 6.23 -17.31
CA MET A 97 2.97 5.31 -18.23
C MET A 97 4.12 4.61 -17.52
N SER A 98 4.85 5.35 -16.72
CA SER A 98 5.96 4.81 -15.98
C SER A 98 5.44 3.75 -15.00
N GLU A 99 4.33 4.03 -14.35
CA GLU A 99 3.76 3.08 -13.41
C GLU A 99 3.37 1.80 -14.11
N LEU A 100 2.76 1.93 -15.28
CA LEU A 100 2.36 0.75 -16.03
C LEU A 100 3.59 -0.06 -16.36
N LYS A 101 4.67 0.61 -16.78
CA LYS A 101 5.88 -0.14 -17.10
C LYS A 101 6.38 -0.94 -15.91
N ILE A 102 6.42 -0.32 -14.75
CA ILE A 102 6.89 -1.00 -13.55
C ILE A 102 6.02 -2.22 -13.31
N MET A 103 4.71 -2.05 -13.45
CA MET A 103 3.79 -3.14 -13.24
C MET A 103 3.97 -4.28 -14.24
N THR A 104 4.19 -3.97 -15.51
CA THR A 104 4.38 -5.01 -16.50
C THR A 104 5.64 -5.80 -16.19
N HIS A 105 6.67 -5.09 -15.77
CA HIS A 105 7.97 -5.65 -15.42
C HIS A 105 8.09 -6.48 -14.15
N LEU A 106 7.35 -6.11 -13.11
CA LEU A 106 7.35 -6.89 -11.90
C LEU A 106 6.55 -8.08 -12.36
N GLY A 107 6.83 -9.26 -11.84
CA GLY A 107 6.04 -10.41 -12.26
C GLY A 107 4.80 -10.34 -11.38
N PRO A 108 3.94 -11.33 -11.44
CA PRO A 108 2.80 -11.29 -10.53
C PRO A 108 3.16 -11.93 -9.19
N HIS A 109 2.45 -11.52 -8.14
CA HIS A 109 2.60 -12.08 -6.80
C HIS A 109 1.21 -12.07 -6.17
N LEU A 110 0.93 -13.04 -5.32
CA LEU A 110 -0.38 -13.12 -4.71
C LEU A 110 -0.74 -11.88 -3.88
N ASN A 111 0.27 -11.32 -3.22
CA ASN A 111 0.12 -10.20 -2.31
C ASN A 111 0.34 -8.77 -2.84
N ILE A 112 0.38 -8.64 -4.15
CA ILE A 112 0.47 -7.36 -4.81
C ILE A 112 -0.77 -7.26 -5.71
N VAL A 113 -1.41 -6.10 -5.79
CA VAL A 113 -2.59 -6.04 -6.66
C VAL A 113 -2.09 -6.36 -8.05
N ASN A 114 -2.75 -7.30 -8.71
CA ASN A 114 -2.28 -7.74 -10.00
C ASN A 114 -2.82 -7.13 -11.28
N LEU A 115 -1.88 -6.78 -12.15
CA LEU A 115 -2.19 -6.22 -13.43
C LEU A 115 -2.93 -7.24 -14.28
N LEU A 116 -3.98 -6.81 -14.96
CA LEU A 116 -4.74 -7.67 -15.86
C LEU A 116 -4.67 -7.21 -17.32
N GLY A 117 -4.52 -5.92 -17.53
CA GLY A 117 -4.45 -5.40 -18.87
C GLY A 117 -4.29 -3.90 -18.88
N ALA A 118 -4.28 -3.31 -20.05
CA ALA A 118 -4.17 -1.87 -20.17
C ALA A 118 -4.77 -1.42 -21.49
N CYS A 119 -5.15 -0.15 -21.56
CA CYS A 119 -5.65 0.42 -22.79
C CYS A 119 -4.69 1.56 -23.06
N THR A 120 -3.90 1.43 -24.11
CA THR A 120 -2.90 2.44 -24.45
C THR A 120 -2.97 3.03 -25.87
N LYS A 121 -4.01 2.70 -26.62
CA LYS A 121 -4.15 3.19 -27.99
C LYS A 121 -5.38 4.01 -28.25
N SER A 122 -5.21 5.04 -29.06
CA SER A 122 -6.33 5.86 -29.48
C SER A 122 -7.12 6.40 -28.30
N GLY A 123 -6.43 6.73 -27.22
CA GLY A 123 -7.13 7.25 -26.07
C GLY A 123 -6.26 7.40 -24.86
N PRO A 124 -6.92 7.88 -23.74
CA PRO A 124 -6.07 8.03 -22.55
C PRO A 124 -5.71 6.66 -22.02
N ILE A 125 -4.59 6.56 -21.35
CA ILE A 125 -4.15 5.28 -20.84
C ILE A 125 -5.00 4.82 -19.66
N TYR A 126 -5.30 3.53 -19.66
CA TYR A 126 -6.04 2.88 -18.61
C TYR A 126 -5.21 1.72 -18.12
N ILE A 127 -5.10 1.58 -16.81
CA ILE A 127 -4.38 0.46 -16.21
C ILE A 127 -5.45 -0.36 -15.53
N ILE A 128 -5.53 -1.64 -15.88
CA ILE A 128 -6.55 -2.49 -15.33
C ILE A 128 -5.99 -3.54 -14.39
N THR A 129 -6.48 -3.57 -13.16
CA THR A 129 -6.09 -4.61 -12.21
C THR A 129 -7.29 -5.41 -11.73
N GLU A 130 -6.99 -6.38 -10.89
CA GLU A 130 -8.03 -7.17 -10.26
C GLU A 130 -8.74 -6.23 -9.27
N TYR A 131 -9.96 -6.57 -8.88
CA TYR A 131 -10.77 -5.82 -7.95
C TYR A 131 -10.71 -6.50 -6.60
N CYS A 132 -10.60 -5.74 -5.52
CA CYS A 132 -10.51 -6.31 -4.18
C CYS A 132 -11.79 -6.03 -3.41
N PHE A 133 -12.49 -7.11 -3.10
CA PHE A 133 -13.80 -7.04 -2.52
C PHE A 133 -13.94 -6.22 -1.26
N TYR A 134 -12.96 -6.29 -0.36
CA TYR A 134 -13.09 -5.54 0.88
C TYR A 134 -12.57 -4.12 0.87
N GLY A 135 -11.99 -3.70 -0.24
CA GLY A 135 -11.46 -2.36 -0.31
C GLY A 135 -10.20 -2.23 0.52
N ASP A 136 -9.87 -1.00 0.87
CA ASP A 136 -8.68 -0.70 1.65
C ASP A 136 -8.74 -1.21 3.08
N LEU A 137 -7.57 -1.56 3.60
CA LEU A 137 -7.44 -2.11 4.93
C LEU A 137 -7.92 -1.21 6.07
N VAL A 138 -7.68 0.10 5.99
CA VAL A 138 -8.10 0.97 7.07
C VAL A 138 -9.62 0.96 7.26
N ASN A 139 -10.36 1.14 6.19
CA ASN A 139 -11.82 1.11 6.25
C ASN A 139 -12.33 -0.27 6.69
N TYR A 140 -11.66 -1.32 6.21
CA TYR A 140 -12.05 -2.67 6.59
C TYR A 140 -11.88 -2.89 8.08
N LEU A 141 -10.77 -2.44 8.63
CA LEU A 141 -10.51 -2.59 10.04
C LEU A 141 -11.55 -1.80 10.85
N HIS A 142 -11.89 -0.59 10.42
CA HIS A 142 -12.87 0.22 11.13
C HIS A 142 -14.22 -0.44 11.17
N LYS A 143 -14.64 -0.97 10.04
CA LYS A 143 -15.93 -1.61 9.91
C LYS A 143 -16.04 -2.82 10.84
N ASN A 144 -14.92 -3.49 11.03
CA ASN A 144 -14.87 -4.71 11.82
C ASN A 144 -14.45 -4.66 13.28
N ARG A 145 -14.38 -3.47 13.86
CA ARG A 145 -14.02 -3.37 15.26
C ARG A 145 -14.98 -4.18 16.15
N ASP A 146 -16.28 -4.07 15.87
CA ASP A 146 -17.30 -4.77 16.65
C ASP A 146 -17.18 -6.27 16.58
N SER A 147 -16.95 -6.81 15.40
CA SER A 147 -16.82 -8.25 15.27
C SER A 147 -15.60 -8.68 16.05
N PHE A 148 -14.53 -7.91 15.91
CA PHE A 148 -13.31 -8.23 16.60
C PHE A 148 -13.57 -8.38 18.09
N LEU A 173 -13.78 -10.78 12.14
CA LEU A 173 -12.37 -10.43 12.28
C LEU A 173 -11.81 -10.95 13.59
N THR A 174 -10.65 -11.59 13.54
CA THR A 174 -10.00 -12.17 14.71
C THR A 174 -8.52 -11.81 14.77
N LEU A 175 -7.91 -12.07 15.91
CA LEU A 175 -6.50 -11.80 16.09
C LEU A 175 -5.66 -12.59 15.09
N LEU A 176 -6.06 -13.81 14.80
CA LEU A 176 -5.34 -14.63 13.83
C LEU A 176 -5.38 -13.93 12.47
N ASP A 177 -6.52 -13.36 12.15
CA ASP A 177 -6.63 -12.63 10.90
C ASP A 177 -5.60 -11.50 10.89
N LEU A 178 -5.43 -10.78 11.99
CA LEU A 178 -4.46 -9.69 12.03
C LEU A 178 -3.05 -10.22 11.77
N LEU A 179 -2.74 -11.37 12.36
CA LEU A 179 -1.45 -12.00 12.18
C LEU A 179 -1.26 -12.41 10.72
N SER A 180 -2.30 -12.95 10.11
CA SER A 180 -2.20 -13.32 8.71
C SER A 180 -1.92 -12.10 7.85
N PHE A 181 -2.60 -10.99 8.16
CA PHE A 181 -2.41 -9.79 7.38
C PHE A 181 -0.96 -9.38 7.48
N THR A 182 -0.45 -9.44 8.69
CA THR A 182 0.91 -9.07 8.98
C THR A 182 1.88 -9.96 8.18
N TYR A 183 1.60 -11.24 8.16
CA TYR A 183 2.42 -12.17 7.43
C TYR A 183 2.37 -11.93 5.93
N GLN A 184 1.17 -11.74 5.39
CA GLN A 184 0.99 -11.52 3.96
C GLN A 184 1.66 -10.23 3.48
N VAL A 185 1.56 -9.16 4.26
CA VAL A 185 2.19 -7.93 3.81
C VAL A 185 3.71 -8.11 3.70
N ALA A 186 4.30 -8.81 4.66
CA ALA A 186 5.73 -9.04 4.65
C ALA A 186 6.08 -9.84 3.40
N ARG A 187 5.28 -10.83 3.06
CA ARG A 187 5.55 -11.61 1.86
C ARG A 187 5.46 -10.75 0.60
N GLY A 188 4.47 -9.88 0.52
CA GLY A 188 4.35 -9.02 -0.64
C GLY A 188 5.54 -8.08 -0.75
N MET A 189 5.96 -7.51 0.36
CA MET A 189 7.09 -6.59 0.41
C MET A 189 8.38 -7.31 0.05
N GLU A 190 8.47 -8.56 0.48
CA GLU A 190 9.65 -9.36 0.18
C GLU A 190 9.73 -9.47 -1.33
N PHE A 191 8.59 -9.67 -1.97
CA PHE A 191 8.57 -9.80 -3.41
C PHE A 191 9.05 -8.52 -4.06
N LEU A 192 8.52 -7.38 -3.60
CA LEU A 192 8.93 -6.11 -4.17
C LEU A 192 10.42 -5.84 -3.94
N ALA A 193 10.90 -6.14 -2.75
CA ALA A 193 12.31 -5.94 -2.44
C ALA A 193 13.20 -6.82 -3.31
N SER A 194 12.75 -8.03 -3.58
CA SER A 194 13.48 -8.99 -4.40
C SER A 194 13.64 -8.46 -5.82
N LYS A 195 12.76 -7.56 -6.22
CA LYS A 195 12.79 -6.94 -7.54
C LYS A 195 13.46 -5.58 -7.47
N ASN A 196 14.05 -5.26 -6.33
CA ASN A 196 14.71 -3.97 -6.14
C ASN A 196 13.75 -2.80 -6.30
N CYS A 197 12.52 -3.01 -5.86
CA CYS A 197 11.50 -1.99 -5.95
C CYS A 197 11.21 -1.45 -4.56
N VAL A 198 11.30 -0.14 -4.40
CA VAL A 198 11.04 0.48 -3.10
C VAL A 198 9.67 1.10 -3.18
N HIS A 199 8.80 0.77 -2.23
CA HIS A 199 7.47 1.30 -2.27
C HIS A 199 7.32 2.79 -2.01
N ARG A 200 7.85 3.24 -0.87
CA ARG A 200 7.88 4.64 -0.35
C ARG A 200 6.59 5.17 0.30
N ASP A 201 5.50 4.45 0.15
CA ASP A 201 4.23 4.84 0.76
C ASP A 201 3.49 3.63 1.38
N LEU A 202 4.23 2.70 1.95
CA LEU A 202 3.58 1.56 2.56
C LEU A 202 2.80 2.02 3.79
N ALA A 203 1.53 1.69 3.80
CA ALA A 203 0.62 2.03 4.88
C ALA A 203 -0.68 1.26 4.69
N ALA A 204 -1.50 1.19 5.72
CA ALA A 204 -2.76 0.46 5.63
C ALA A 204 -3.66 1.03 4.51
N ARG A 205 -3.60 2.32 4.29
CA ARG A 205 -4.38 2.94 3.23
C ARG A 205 -3.94 2.42 1.84
N ASN A 206 -2.74 1.86 1.75
CA ASN A 206 -2.22 1.29 0.51
C ASN A 206 -2.14 -0.23 0.59
N VAL A 207 -3.05 -0.83 1.33
CA VAL A 207 -3.16 -2.24 1.38
C VAL A 207 -4.63 -2.51 1.12
N LEU A 208 -4.89 -3.36 0.14
CA LEU A 208 -6.24 -3.74 -0.22
C LEU A 208 -6.46 -5.17 0.28
N LEU A 209 -7.72 -5.50 0.50
CA LEU A 209 -8.05 -6.83 0.97
C LEU A 209 -9.03 -7.46 -0.02
N ALA A 210 -8.62 -8.60 -0.55
CA ALA A 210 -9.40 -9.35 -1.51
C ALA A 210 -10.22 -10.44 -0.88
N GLN A 211 -10.98 -11.11 -1.73
CA GLN A 211 -11.82 -12.18 -1.30
C GLN A 211 -10.88 -13.22 -0.70
N GLY A 212 -11.32 -13.84 0.39
CA GLY A 212 -10.54 -14.84 1.09
C GLY A 212 -9.55 -14.23 2.05
N LYS A 213 -9.69 -12.94 2.26
CA LYS A 213 -8.83 -12.18 3.14
C LYS A 213 -7.35 -12.23 2.71
N ILE A 214 -7.12 -12.04 1.42
CA ILE A 214 -5.79 -12.01 0.86
C ILE A 214 -5.38 -10.55 0.75
N VAL A 215 -4.29 -10.16 1.40
CA VAL A 215 -3.88 -8.76 1.30
C VAL A 215 -3.29 -8.53 -0.08
N LYS A 216 -3.57 -7.35 -0.61
CA LYS A 216 -3.03 -6.94 -1.89
C LYS A 216 -2.38 -5.59 -1.70
N ILE A 217 -1.06 -5.52 -1.74
CA ILE A 217 -0.38 -4.24 -1.59
C ILE A 217 -0.60 -3.42 -2.85
N CYS A 218 -0.85 -2.14 -2.67
CA CYS A 218 -1.08 -1.24 -3.78
C CYS A 218 -0.44 0.13 -3.51
N ASP A 219 -0.49 1.01 -4.51
CA ASP A 219 -0.02 2.37 -4.38
C ASP A 219 -1.00 3.26 -5.15
N PHE A 220 -1.86 4.01 -4.46
CA PHE A 220 -2.83 4.85 -5.16
C PHE A 220 -2.15 5.86 -6.05
N GLY A 221 -1.02 6.42 -5.63
CA GLY A 221 -0.31 7.37 -6.48
C GLY A 221 -1.12 8.59 -6.85
N LEU A 222 -1.28 8.80 -8.15
CA LEU A 222 -2.02 9.97 -8.66
C LEU A 222 -3.47 9.92 -8.21
N ALA A 223 -3.92 8.74 -7.82
CA ALA A 223 -5.30 8.51 -7.39
C ALA A 223 -5.56 8.85 -5.91
N ARG A 224 -4.58 9.45 -5.26
CA ARG A 224 -4.70 9.86 -3.87
C ARG A 224 -4.62 11.39 -3.80
N ASP A 225 -5.53 12.02 -3.08
CA ASP A 225 -5.55 13.46 -2.93
C ASP A 225 -4.62 13.76 -1.78
N ILE A 226 -3.33 13.79 -2.05
CA ILE A 226 -2.35 14.03 -1.00
C ILE A 226 -2.51 15.39 -0.33
N MET A 227 -2.91 16.38 -1.12
CA MET A 227 -3.11 17.73 -0.61
C MET A 227 -4.20 17.87 0.44
N HIS A 228 -5.29 17.13 0.28
CA HIS A 228 -6.38 17.19 1.23
C HIS A 228 -6.45 16.02 2.23
N ASP A 229 -5.43 15.17 2.22
CA ASP A 229 -5.39 14.04 3.13
C ASP A 229 -4.47 14.43 4.29
N SER A 230 -4.99 14.33 5.51
CA SER A 230 -4.22 14.74 6.68
C SER A 230 -2.95 13.94 6.91
N ASN A 231 -2.95 12.70 6.45
CA ASN A 231 -1.80 11.81 6.59
C ASN A 231 -0.54 12.25 5.86
N TYR A 232 -0.70 13.20 4.94
CA TYR A 232 0.40 13.73 4.15
C TYR A 232 0.68 15.18 4.55
N VAL A 233 1.93 15.47 4.86
CA VAL A 233 2.38 16.78 5.31
C VAL A 233 3.18 17.55 4.26
N SER A 234 2.92 18.85 4.11
CA SER A 234 3.65 19.61 3.10
C SER A 234 5.15 19.73 3.34
N LYS A 235 5.94 19.45 2.31
CA LYS A 235 7.39 19.59 2.39
C LYS A 235 8.03 19.80 1.04
N GLY A 236 8.74 20.91 0.88
CA GLY A 236 9.42 21.20 -0.37
C GLY A 236 8.58 21.16 -1.62
N SER A 237 7.38 21.72 -1.56
CA SER A 237 6.49 21.73 -2.71
C SER A 237 5.76 20.39 -2.96
N THR A 238 5.64 19.58 -1.93
CA THR A 238 4.93 18.31 -2.02
C THR A 238 4.47 17.91 -0.64
N PHE A 239 3.67 16.85 -0.57
CA PHE A 239 3.16 16.37 0.69
C PHE A 239 3.62 14.94 0.94
N LEU A 240 4.09 14.68 2.15
CA LEU A 240 4.62 13.39 2.52
C LEU A 240 3.98 12.73 3.73
N PRO A 241 3.94 11.33 3.68
CA PRO A 241 3.32 10.69 4.84
C PRO A 241 4.40 10.50 5.90
N VAL A 242 4.68 11.58 6.61
CA VAL A 242 5.83 11.63 7.50
C VAL A 242 5.71 10.62 8.63
N LYS A 243 4.51 10.40 9.15
CA LYS A 243 4.35 9.49 10.28
C LYS A 243 4.67 8.05 9.91
N TRP A 244 4.81 7.74 8.61
CA TRP A 244 5.11 6.41 8.11
C TRP A 244 6.54 6.27 7.63
N MET A 245 7.31 7.37 7.53
CA MET A 245 8.60 7.39 6.88
C MET A 245 9.76 7.19 7.86
N ALA A 246 10.79 6.48 7.38
CA ALA A 246 12.02 6.31 8.13
C ALA A 246 12.72 7.66 8.33
N PRO A 247 13.49 7.82 9.41
CA PRO A 247 14.21 9.09 9.57
C PRO A 247 15.13 9.40 8.41
N GLU A 248 15.87 8.41 7.92
CA GLU A 248 16.80 8.71 6.83
C GLU A 248 16.07 9.18 5.58
N SER A 249 14.77 8.83 5.45
CA SER A 249 13.96 9.33 4.34
C SER A 249 13.56 10.78 4.56
N ILE A 250 12.95 11.08 5.71
CA ILE A 250 12.49 12.44 5.99
C ILE A 250 13.66 13.42 5.89
N PHE A 251 14.77 13.12 6.57
CA PHE A 251 15.81 14.12 6.79
C PHE A 251 16.95 14.04 5.81
N ASP A 252 17.26 12.86 5.27
CA ASP A 252 18.39 12.68 4.37
C ASP A 252 18.00 12.22 2.97
N ASN A 253 16.70 12.15 2.68
CA ASN A 253 16.20 11.85 1.33
C ASN A 253 16.69 10.48 0.85
N LEU A 254 16.79 9.54 1.77
CA LEU A 254 17.24 8.22 1.45
C LEU A 254 16.07 7.26 1.50
N TYR A 255 15.82 6.60 0.37
CA TYR A 255 14.74 5.64 0.28
C TYR A 255 15.31 4.29 -0.16
N THR A 256 15.08 3.29 0.66
CA THR A 256 15.55 1.94 0.41
C THR A 256 14.57 0.90 0.95
N THR A 257 14.83 -0.36 0.67
CA THR A 257 13.98 -1.41 1.14
C THR A 257 13.96 -1.32 2.67
N LEU A 258 15.08 -0.89 3.23
CA LEU A 258 15.21 -0.71 4.66
C LEU A 258 14.27 0.37 5.17
N SER A 259 14.09 1.44 4.42
CA SER A 259 13.15 2.46 4.87
C SER A 259 11.72 1.96 4.75
N ASP A 260 11.46 1.05 3.81
CA ASP A 260 10.16 0.42 3.69
C ASP A 260 9.87 -0.40 4.95
N VAL A 261 10.90 -1.03 5.51
CA VAL A 261 10.73 -1.84 6.70
C VAL A 261 10.20 -0.99 7.86
N TRP A 262 10.70 0.24 7.96
CA TRP A 262 10.23 1.14 9.01
C TRP A 262 8.74 1.41 8.79
N SER A 263 8.35 1.70 7.54
CA SER A 263 6.93 1.90 7.24
C SER A 263 6.11 0.68 7.61
N TYR A 264 6.65 -0.52 7.34
CA TYR A 264 5.97 -1.75 7.68
C TYR A 264 5.69 -1.82 9.18
N GLY A 265 6.64 -1.37 10.00
CA GLY A 265 6.39 -1.30 11.44
C GLY A 265 5.21 -0.40 11.80
N ILE A 266 5.15 0.78 11.17
CA ILE A 266 4.03 1.68 11.37
C ILE A 266 2.74 1.03 10.93
N LEU A 267 2.79 0.29 9.83
CA LEU A 267 1.63 -0.42 9.32
C LEU A 267 1.15 -1.43 10.36
N LEU A 268 2.06 -2.15 10.96
CA LEU A 268 1.65 -3.12 11.97
C LEU A 268 0.96 -2.43 13.14
N TRP A 269 1.41 -1.22 13.49
CA TRP A 269 0.72 -0.48 14.54
C TRP A 269 -0.71 -0.16 14.13
N GLU A 270 -0.92 0.22 12.85
CA GLU A 270 -2.26 0.46 12.36
C GLU A 270 -3.11 -0.79 12.45
N ILE A 271 -2.54 -1.94 12.07
CA ILE A 271 -3.33 -3.17 12.04
C ILE A 271 -3.82 -3.51 13.45
N PHE A 272 -2.90 -3.46 14.43
CA PHE A 272 -3.23 -3.93 15.77
C PHE A 272 -3.81 -2.84 16.65
N SER A 273 -4.10 -1.67 16.07
CA SER A 273 -5.00 -0.69 16.66
C SER A 273 -6.33 -0.62 15.91
N LEU A 274 -6.59 -1.58 15.02
CA LEU A 274 -7.80 -1.61 14.22
C LEU A 274 -8.05 -0.30 13.49
N GLY A 275 -7.00 0.21 12.84
CA GLY A 275 -7.11 1.40 12.05
C GLY A 275 -6.94 2.70 12.80
N GLY A 276 -6.18 2.71 13.88
CA GLY A 276 -5.92 3.97 14.56
C GLY A 276 -4.90 4.81 13.82
N THR A 277 -4.81 6.06 14.24
CA THR A 277 -3.88 6.99 13.64
C THR A 277 -2.56 6.92 14.39
N PRO A 278 -1.45 6.74 13.58
CA PRO A 278 -0.17 6.69 14.29
C PRO A 278 0.13 7.97 15.07
N TYR A 279 0.84 7.84 16.20
CA TYR A 279 1.19 8.99 17.01
C TYR A 279 -0.10 9.76 17.29
N PRO A 280 -1.10 9.01 17.87
CA PRO A 280 -2.37 9.73 18.05
C PRO A 280 -2.32 10.97 18.94
N GLY A 281 -2.92 12.04 18.43
CA GLY A 281 -3.01 13.31 19.09
C GLY A 281 -1.72 14.09 19.03
N MET A 282 -0.73 13.53 18.34
CA MET A 282 0.60 14.13 18.23
C MET A 282 0.74 14.72 16.83
N MET A 283 0.61 16.04 16.67
CA MET A 283 0.72 16.67 15.35
C MET A 283 2.15 16.73 14.81
N VAL A 284 2.32 16.80 13.50
CA VAL A 284 3.64 16.84 12.93
C VAL A 284 4.24 18.23 12.95
N ASP A 285 5.34 18.38 13.69
CA ASP A 285 6.03 19.65 13.81
C ASP A 285 7.48 19.39 14.23
N SER A 286 8.24 20.44 14.48
CA SER A 286 9.62 20.28 14.86
C SER A 286 9.76 19.42 16.10
N THR A 287 8.83 19.52 17.05
CA THR A 287 8.91 18.67 18.24
C THR A 287 8.74 17.19 17.88
N PHE A 288 7.81 16.90 16.98
CA PHE A 288 7.61 15.52 16.57
C PHE A 288 8.88 15.01 15.91
N TYR A 289 9.44 15.84 15.05
CA TYR A 289 10.65 15.49 14.34
C TYR A 289 11.78 15.24 15.32
N ASN A 290 11.88 16.07 16.35
CA ASN A 290 12.91 15.89 17.35
C ASN A 290 12.72 14.60 18.14
N LYS A 291 11.48 14.30 18.49
CA LYS A 291 11.22 13.07 19.24
C LYS A 291 11.64 11.84 18.42
N ILE A 292 11.31 11.81 17.13
CA ILE A 292 11.68 10.67 16.30
C ILE A 292 13.19 10.51 16.22
N LYS A 293 13.89 11.60 15.97
CA LYS A 293 15.33 11.56 15.91
C LYS A 293 15.93 11.17 17.28
N SER A 294 15.26 11.53 18.36
CA SER A 294 15.72 11.18 19.70
C SER A 294 15.45 9.73 20.08
N GLY A 295 14.87 8.95 19.18
CA GLY A 295 14.59 7.56 19.48
C GLY A 295 13.26 7.29 20.13
N TYR A 296 12.36 8.27 20.17
CA TYR A 296 11.01 8.04 20.64
C TYR A 296 10.28 7.11 19.68
N ARG A 297 9.56 6.13 20.24
CA ARG A 297 8.71 5.21 19.48
C ARG A 297 7.34 5.08 20.16
N MET A 298 6.34 4.66 19.39
CA MET A 298 4.99 4.49 19.93
C MET A 298 4.94 3.39 20.98
N ALA A 299 3.94 3.49 21.85
CA ALA A 299 3.59 2.42 22.77
C ALA A 299 2.84 1.31 22.03
N LYS A 300 2.70 0.19 22.73
CA LYS A 300 2.00 -0.95 22.20
C LYS A 300 0.54 -0.68 21.96
N PRO A 301 0.06 -1.05 20.72
CA PRO A 301 -1.37 -0.81 20.50
C PRO A 301 -2.19 -1.80 21.33
N ASP A 302 -3.48 -1.54 21.51
CA ASP A 302 -4.29 -2.40 22.36
C ASP A 302 -4.35 -3.87 21.98
N HIS A 303 -4.48 -4.17 20.70
CA HIS A 303 -4.61 -5.57 20.30
C HIS A 303 -3.38 -6.33 19.92
N ALA A 304 -2.23 -5.68 20.08
CA ALA A 304 -0.98 -6.33 19.78
C ALA A 304 -0.51 -7.23 20.90
N THR A 305 0.04 -8.39 20.57
CA THR A 305 0.70 -9.19 21.58
C THR A 305 2.12 -8.69 21.76
N SER A 306 2.79 -9.19 22.81
CA SER A 306 4.13 -8.66 23.06
C SER A 306 5.11 -9.08 21.98
N GLU A 307 4.91 -10.25 21.35
CA GLU A 307 5.78 -10.62 20.25
C GLU A 307 5.55 -9.70 19.05
N VAL A 308 4.30 -9.32 18.81
CA VAL A 308 4.00 -8.41 17.71
C VAL A 308 4.59 -7.04 17.99
N TYR A 309 4.53 -6.60 19.23
CA TYR A 309 5.15 -5.32 19.56
C TYR A 309 6.66 -5.38 19.35
N GLU A 310 7.30 -6.47 19.71
CA GLU A 310 8.74 -6.57 19.54
C GLU A 310 9.08 -6.42 18.07
N ILE A 311 8.28 -7.01 17.21
CA ILE A 311 8.53 -6.92 15.79
C ILE A 311 8.49 -5.46 15.33
N MET A 312 7.52 -4.70 15.81
CA MET A 312 7.41 -3.31 15.42
C MET A 312 8.64 -2.55 15.82
N VAL A 313 9.07 -2.78 17.07
CA VAL A 313 10.22 -2.08 17.59
C VAL A 313 11.45 -2.39 16.78
N LYS A 314 11.63 -3.65 16.43
CA LYS A 314 12.80 -3.98 15.61
C LYS A 314 12.73 -3.29 14.24
N CYS A 315 11.52 -3.02 13.74
CA CYS A 315 11.42 -2.31 12.48
C CYS A 315 11.77 -0.84 12.61
N TRP A 316 11.69 -0.29 13.80
CA TRP A 316 11.95 1.13 14.00
C TRP A 316 13.36 1.50 14.46
N ASN A 317 14.32 0.60 14.23
CA ASN A 317 15.68 0.88 14.63
C ASN A 317 16.20 2.10 13.91
N SER A 318 16.96 2.91 14.62
CA SER A 318 17.52 4.12 14.05
C SER A 318 18.49 3.81 12.92
N GLU A 319 19.21 2.71 13.06
CA GLU A 319 20.15 2.30 12.03
C GLU A 319 19.43 1.39 11.05
N PRO A 320 19.42 1.84 9.74
CA PRO A 320 18.68 0.99 8.80
C PRO A 320 19.16 -0.45 8.69
N GLU A 321 20.47 -0.66 8.73
CA GLU A 321 21.06 -1.99 8.59
C GLU A 321 20.68 -2.95 9.71
N LYS A 322 20.18 -2.41 10.82
CA LYS A 322 19.76 -3.20 11.98
C LYS A 322 18.33 -3.69 11.85
N ARG A 323 17.63 -3.20 10.85
CA ARG A 323 16.24 -3.61 10.61
C ARG A 323 16.17 -4.96 9.92
N PRO A 324 15.14 -5.77 10.34
CA PRO A 324 15.10 -7.07 9.67
C PRO A 324 14.64 -7.00 8.22
N SER A 325 15.07 -7.97 7.44
CA SER A 325 14.70 -8.05 6.05
C SER A 325 13.24 -8.50 5.96
N PHE A 326 12.60 -8.23 4.84
CA PHE A 326 11.21 -8.65 4.68
C PHE A 326 11.14 -10.19 4.73
N TYR A 327 12.15 -10.85 4.16
CA TYR A 327 12.19 -12.31 4.18
C TYR A 327 12.25 -12.81 5.63
N HIS A 328 13.08 -12.17 6.45
CA HIS A 328 13.21 -12.54 7.85
C HIS A 328 11.91 -12.29 8.61
N LEU A 329 11.26 -11.18 8.30
CA LEU A 329 10.01 -10.82 8.96
C LEU A 329 8.93 -11.86 8.69
N SER A 330 8.90 -12.38 7.48
CA SER A 330 7.93 -13.39 7.13
C SER A 330 8.16 -14.62 7.97
N GLU A 331 9.41 -14.97 8.21
CA GLU A 331 9.65 -16.19 8.97
C GLU A 331 9.32 -15.98 10.45
N ILE A 332 9.68 -14.82 11.00
CA ILE A 332 9.38 -14.53 12.41
C ILE A 332 7.88 -14.50 12.65
N VAL A 333 7.12 -13.93 11.72
CA VAL A 333 5.67 -13.88 11.87
C VAL A 333 5.08 -15.28 11.71
N GLU A 334 5.62 -16.06 10.78
CA GLU A 334 5.15 -17.44 10.62
C GLU A 334 5.23 -18.21 11.94
N ASN A 335 6.29 -17.99 12.71
CA ASN A 335 6.45 -18.67 14.00
C ASN A 335 5.36 -18.32 15.00
N LEU A 336 4.63 -17.22 14.77
CA LEU A 336 3.54 -16.82 15.64
C LEU A 336 2.20 -17.43 15.23
N LEU A 337 2.16 -18.08 14.09
CA LEU A 337 0.93 -18.64 13.55
C LEU A 337 0.83 -20.13 13.87
N PRO A 338 -0.36 -20.55 14.36
CA PRO A 338 -0.65 -21.94 14.70
C PRO A 338 -0.50 -22.83 13.52
N GLY A 339 -0.61 -22.25 12.35
CA GLY A 339 -0.51 -23.06 11.18
C GLY A 339 0.84 -23.17 10.51
N GLN A 340 1.30 -24.42 10.39
CA GLN A 340 2.53 -24.73 9.65
C GLN A 340 2.33 -25.81 8.61
#